data_7PK4
#
_entry.id   7PK4
#
_cell.length_a   117.488
_cell.length_b   45.322
_cell.length_c   58.520
_cell.angle_alpha   90.000
_cell.angle_beta   96.890
_cell.angle_gamma   90.000
#
_symmetry.space_group_name_H-M   'C 1 2 1'
#
loop_
_entity.id
_entity.type
_entity.pdbx_description
1 polymer 'Cathepsin L2'
2 polymer 'Putative salivary cystatin'
3 non-polymer GLYCEROL
4 non-polymer 1,2-ETHANEDIOL
5 non-polymer DI(HYDROXYETHYL)ETHER
6 water water
#
loop_
_entity_poly.entity_id
_entity_poly.type
_entity_poly.pdbx_seq_one_letter_code
_entity_poly.pdbx_strand_id
1 'polypeptide(L)'
;DLPKSVDWRKKGYVTPVKNQKQCGSSWAFSATGALEGQMFRKTGKLVSLSEQNLVDCSRPQGNQGCNGGFMARAFQYVKE
NGGLDSEESYPYVAVDEICKYRPENSVAQDTGFTVVAPGKEKALMKAVATVGPISVAMDAGHSSFQFYKSGIYFEPDCSS
KNLDHGVLVVGYGFEGANSNNSKYWLVKNSWGPEWGSNGYVKIAKDKNNHCGIATAASYPNV
;
A
2 'polypeptide(L)'
;MELALRGGYRERPNHQEDPKYLELAHYATSTWSAQQPGKTPFDTVVEVLKVETQTVAGTNYRLTLKVAESTCELTSTYSK
DACQPNANAAQRTCTTVIYQNLEGEKSVSSFGCAAA
;
B
#
# COMPACT_ATOMS: atom_id res chain seq x y z
N ASP A 1 -14.51 -27.67 -11.45
CA ASP A 1 -15.28 -26.48 -10.90
C ASP A 1 -14.56 -25.91 -9.68
N LEU A 2 -14.21 -24.63 -9.72
CA LEU A 2 -13.50 -23.96 -8.60
C LEU A 2 -14.46 -23.90 -7.42
N PRO A 3 -13.99 -23.84 -6.15
CA PRO A 3 -14.89 -23.67 -5.01
C PRO A 3 -15.75 -22.40 -5.15
N LYS A 4 -16.85 -22.31 -4.39
CA LYS A 4 -17.75 -21.12 -4.41
C LYS A 4 -17.22 -20.05 -3.45
N SER A 5 -16.48 -20.45 -2.42
CA SER A 5 -15.81 -19.51 -1.49
C SER A 5 -14.42 -20.06 -1.10
N VAL A 6 -13.45 -19.15 -1.03
CA VAL A 6 -12.09 -19.41 -0.50
C VAL A 6 -11.83 -18.34 0.56
N ASP A 7 -11.26 -18.77 1.69
CA ASP A 7 -10.69 -17.90 2.76
C ASP A 7 -9.36 -18.48 3.24
N TRP A 8 -8.26 -18.02 2.65
CA TRP A 8 -6.90 -18.49 3.01
C TRP A 8 -6.56 -18.16 4.47
N ARG A 9 -7.25 -17.24 5.12
CA ARG A 9 -6.97 -16.97 6.56
C ARG A 9 -7.25 -18.25 7.36
N LYS A 10 -8.26 -19.02 6.98
CA LYS A 10 -8.66 -20.28 7.68
C LYS A 10 -7.54 -21.31 7.56
N LYS A 11 -6.70 -21.24 6.53
CA LYS A 11 -5.64 -22.26 6.31
C LYS A 11 -4.30 -21.84 6.95
N GLY A 12 -4.23 -20.67 7.60
CA GLY A 12 -3.00 -20.15 8.24
C GLY A 12 -2.04 -19.44 7.28
N TYR A 13 -2.53 -18.99 6.12
CA TYR A 13 -1.68 -18.38 5.05
C TYR A 13 -1.42 -16.87 5.29
N VAL A 14 -2.13 -16.28 6.23
CA VAL A 14 -2.23 -14.79 6.30
C VAL A 14 -1.81 -14.28 7.67
N THR A 15 -0.92 -13.30 7.67
CA THR A 15 -0.47 -12.60 8.91
C THR A 15 -1.58 -11.68 9.41
N PRO A 16 -1.53 -11.23 10.68
CA PRO A 16 -2.45 -10.20 11.15
C PRO A 16 -2.32 -8.96 10.28
N VAL A 17 -3.33 -8.12 10.34
CA VAL A 17 -3.37 -6.86 9.56
C VAL A 17 -2.28 -5.92 10.07
N LYS A 18 -1.61 -5.27 9.15
CA LYS A 18 -0.52 -4.32 9.40
C LYS A 18 -1.00 -2.92 8.98
N ASN A 19 -0.16 -1.93 9.22
CA ASN A 19 -0.46 -0.50 9.04
C ASN A 19 0.73 0.15 8.36
N GLN A 20 0.55 0.62 7.13
CA GLN A 20 1.57 1.36 6.38
C GLN A 20 1.82 2.75 6.97
N LYS A 21 0.86 3.26 7.75
CA LYS A 21 0.91 4.62 8.36
C LYS A 21 1.16 5.67 7.27
N GLN A 22 2.12 6.57 7.45
CA GLN A 22 2.32 7.80 6.63
C GLN A 22 3.14 7.52 5.37
N CYS A 23 3.48 6.27 5.09
CA CYS A 23 4.37 5.87 3.98
C CYS A 23 3.51 5.31 2.82
N GLY A 24 3.82 5.67 1.59
CA GLY A 24 3.19 5.17 0.34
C GLY A 24 3.76 3.83 -0.05
N SER A 25 3.60 2.86 0.87
CA SER A 25 4.23 1.52 0.84
C SER A 25 3.18 0.41 0.68
N SER A 26 1.95 0.73 0.26
CA SER A 26 0.90 -0.29 0.06
C SER A 26 1.42 -1.40 -0.86
N TRP A 27 2.19 -1.04 -1.89
CA TRP A 27 2.82 -1.97 -2.87
C TRP A 27 3.67 -3.00 -2.08
N ALA A 28 4.35 -2.53 -1.04
CA ALA A 28 5.28 -3.34 -0.23
C ALA A 28 4.50 -4.29 0.67
N PHE A 29 3.42 -3.79 1.28
CA PHE A 29 2.50 -4.62 2.11
C PHE A 29 1.81 -5.67 1.23
N SER A 30 1.32 -5.26 0.07
CA SER A 30 0.70 -6.20 -0.89
C SER A 30 1.71 -7.31 -1.21
N ALA A 31 2.98 -6.97 -1.42
CA ALA A 31 4.02 -7.94 -1.84
C ALA A 31 4.37 -8.89 -0.70
N THR A 32 4.58 -8.37 0.52
CA THR A 32 4.92 -9.24 1.68
C THR A 32 3.77 -10.21 1.96
N GLY A 33 2.54 -9.75 1.78
CA GLY A 33 1.35 -10.58 2.00
C GLY A 33 1.36 -11.79 1.08
N ALA A 34 1.62 -11.55 -0.20
CA ALA A 34 1.58 -12.61 -1.23
C ALA A 34 2.78 -13.54 -0.98
N LEU A 35 3.93 -12.98 -0.60
CA LEU A 35 5.13 -13.81 -0.32
C LEU A 35 4.96 -14.59 0.99
N GLU A 36 4.33 -14.01 2.03
CA GLU A 36 4.06 -14.73 3.30
C GLU A 36 3.24 -16.00 2.98
N GLY A 37 2.23 -15.87 2.14
CA GLY A 37 1.35 -16.98 1.75
C GLY A 37 2.11 -18.03 0.97
N GLN A 38 2.88 -17.63 -0.04
CA GLN A 38 3.63 -18.61 -0.88
C GLN A 38 4.72 -19.32 -0.04
N MET A 39 5.39 -18.63 0.87
CA MET A 39 6.42 -19.22 1.77
C MET A 39 5.73 -20.20 2.72
N PHE A 40 4.55 -19.86 3.23
CA PHE A 40 3.76 -20.74 4.14
C PHE A 40 3.43 -22.06 3.43
N ARG A 41 2.93 -21.94 2.21
CA ARG A 41 2.61 -23.09 1.32
CA ARG A 41 2.61 -23.08 1.31
C ARG A 41 3.84 -24.01 1.20
N LYS A 42 5.03 -23.43 0.99
CA LYS A 42 6.28 -24.19 0.80
C LYS A 42 6.77 -24.79 2.11
N THR A 43 6.70 -24.08 3.22
CA THR A 43 7.44 -24.44 4.45
C THR A 43 6.52 -24.90 5.59
N GLY A 44 5.24 -24.51 5.60
CA GLY A 44 4.32 -24.74 6.74
C GLY A 44 4.52 -23.75 7.90
N LYS A 45 5.35 -22.74 7.69
CA LYS A 45 5.71 -21.74 8.74
C LYS A 45 5.29 -20.36 8.27
N LEU A 46 4.38 -19.72 9.00
CA LEU A 46 3.94 -18.33 8.65
C LEU A 46 4.92 -17.35 9.29
N VAL A 47 5.66 -16.58 8.48
CA VAL A 47 6.64 -15.63 9.05
C VAL A 47 6.42 -14.25 8.41
N SER A 48 6.25 -13.27 9.27
CA SER A 48 5.99 -11.87 8.87
C SER A 48 7.25 -11.31 8.21
N LEU A 49 7.06 -10.70 7.04
CA LEU A 49 8.17 -10.25 6.15
C LEU A 49 8.32 -8.73 6.24
N SER A 50 9.52 -8.25 6.01
CA SER A 50 9.89 -6.81 6.18
C SER A 50 9.44 -5.96 4.98
N GLU A 51 8.38 -5.16 5.15
CA GLU A 51 8.04 -4.08 4.20
C GLU A 51 9.16 -3.04 4.18
N GLN A 52 9.81 -2.79 5.32
CA GLN A 52 10.88 -1.76 5.40
C GLN A 52 12.05 -2.15 4.47
N ASN A 53 12.46 -3.41 4.51
CA ASN A 53 13.45 -4.02 3.57
C ASN A 53 13.05 -3.67 2.13
N LEU A 54 11.79 -3.88 1.74
CA LEU A 54 11.33 -3.55 0.37
C LEU A 54 11.48 -2.04 0.13
N VAL A 55 11.00 -1.22 1.05
CA VAL A 55 10.94 0.27 0.88
C VAL A 55 12.38 0.79 0.68
N ASP A 56 13.30 0.26 1.47
CA ASP A 56 14.69 0.80 1.57
C ASP A 56 15.55 0.31 0.40
N CYS A 57 15.26 -0.85 -0.18
CA CYS A 57 16.29 -1.65 -0.93
C CYS A 57 15.87 -1.86 -2.39
N SER A 58 14.62 -1.59 -2.79
CA SER A 58 14.11 -2.03 -4.13
C SER A 58 14.11 -0.87 -5.13
N ARG A 59 14.86 0.21 -4.83
CA ARG A 59 14.97 1.36 -5.76
C ARG A 59 15.62 0.91 -7.06
N PRO A 60 16.64 0.01 -7.05
CA PRO A 60 17.30 -0.36 -8.30
C PRO A 60 16.34 -1.08 -9.25
N GLN A 61 15.32 -1.72 -8.70
CA GLN A 61 14.27 -2.42 -9.48
C GLN A 61 13.15 -1.45 -9.84
N GLY A 62 13.30 -0.16 -9.54
CA GLY A 62 12.42 0.90 -10.07
C GLY A 62 11.26 1.26 -9.14
N ASN A 63 11.31 0.82 -7.88
CA ASN A 63 10.39 1.30 -6.80
C ASN A 63 10.95 2.61 -6.24
N GLN A 64 10.13 3.40 -5.55
CA GLN A 64 10.55 4.67 -4.90
C GLN A 64 10.09 4.70 -3.43
N GLY A 65 10.18 3.58 -2.74
CA GLY A 65 10.02 3.57 -1.26
C GLY A 65 8.68 4.16 -0.86
N CYS A 66 8.67 5.14 0.05
CA CYS A 66 7.42 5.77 0.54
C CYS A 66 6.78 6.64 -0.54
N ASN A 67 7.50 6.92 -1.63
CA ASN A 67 6.95 7.73 -2.75
C ASN A 67 6.19 6.87 -3.75
N GLY A 68 6.11 5.54 -3.56
CA GLY A 68 5.29 4.65 -4.41
C GLY A 68 6.10 3.52 -5.02
N GLY A 69 5.44 2.58 -5.68
CA GLY A 69 6.11 1.37 -6.15
C GLY A 69 5.13 0.34 -6.68
N PHE A 70 5.64 -0.85 -7.01
CA PHE A 70 4.87 -1.96 -7.65
C PHE A 70 5.25 -3.28 -7.02
N MET A 71 4.23 -4.09 -6.74
CA MET A 71 4.40 -5.46 -6.19
C MET A 71 5.39 -6.25 -7.07
N ALA A 72 5.25 -6.22 -8.41
CA ALA A 72 6.13 -6.97 -9.33
C ALA A 72 7.60 -6.57 -9.11
N ARG A 73 7.93 -5.29 -8.94
CA ARG A 73 9.32 -4.84 -8.73
C ARG A 73 9.81 -5.32 -7.37
N ALA A 74 8.93 -5.40 -6.39
CA ALA A 74 9.26 -5.97 -5.06
C ALA A 74 9.67 -7.45 -5.25
N PHE A 75 8.86 -8.20 -5.98
CA PHE A 75 9.13 -9.64 -6.21
C PHE A 75 10.45 -9.77 -6.98
N GLN A 76 10.69 -8.84 -7.90
CA GLN A 76 11.92 -8.81 -8.71
C GLN A 76 13.11 -8.51 -7.79
N TYR A 77 12.96 -7.56 -6.87
CA TYR A 77 14.01 -7.25 -5.87
C TYR A 77 14.34 -8.54 -5.10
N VAL A 78 13.34 -9.24 -4.60
CA VAL A 78 13.66 -10.41 -3.74
C VAL A 78 14.46 -11.44 -4.57
N LYS A 79 14.10 -11.59 -5.85
CA LYS A 79 14.72 -12.57 -6.77
C LYS A 79 16.20 -12.21 -6.96
N GLU A 80 16.46 -10.95 -7.34
CA GLU A 80 17.79 -10.42 -7.69
C GLU A 80 18.66 -10.39 -6.44
N ASN A 81 18.05 -10.13 -5.30
CA ASN A 81 18.71 -9.94 -4.00
C ASN A 81 19.02 -11.29 -3.38
N GLY A 82 18.29 -12.35 -3.75
CA GLY A 82 18.48 -13.69 -3.16
C GLY A 82 17.84 -13.79 -1.77
N GLY A 83 17.06 -12.82 -1.34
CA GLY A 83 16.41 -12.95 -0.02
C GLY A 83 15.64 -11.74 0.41
N LEU A 84 14.96 -11.89 1.53
CA LEU A 84 14.18 -10.82 2.18
C LEU A 84 14.14 -11.08 3.68
N ASP A 85 14.47 -10.06 4.48
CA ASP A 85 14.54 -10.14 5.96
C ASP A 85 13.11 -10.22 6.52
N SER A 86 12.98 -10.80 7.70
CA SER A 86 11.74 -10.93 8.48
C SER A 86 11.37 -9.55 9.05
N GLU A 87 10.09 -9.36 9.30
CA GLU A 87 9.56 -8.15 9.98
C GLU A 87 10.34 -7.95 11.28
N GLU A 88 10.56 -9.02 12.03
CA GLU A 88 11.16 -8.97 13.38
C GLU A 88 12.60 -8.45 13.28
N SER A 89 13.40 -8.91 12.31
CA SER A 89 14.81 -8.46 12.14
C SER A 89 14.91 -7.05 11.53
N TYR A 90 13.89 -6.61 10.80
CA TYR A 90 13.99 -5.38 9.97
C TYR A 90 12.68 -4.65 10.09
N PRO A 91 12.40 -4.04 11.26
CA PRO A 91 11.07 -3.53 11.56
C PRO A 91 10.68 -2.28 10.78
N TYR A 92 9.38 -2.01 10.75
CA TYR A 92 8.75 -0.98 9.92
C TYR A 92 8.74 0.33 10.68
N VAL A 93 9.35 1.37 10.11
CA VAL A 93 9.42 2.74 10.70
C VAL A 93 8.72 3.76 9.79
N ALA A 94 8.17 3.34 8.65
CA ALA A 94 7.28 4.15 7.78
C ALA A 94 7.99 5.37 7.23
N VAL A 95 9.30 5.35 7.04
CA VAL A 95 10.03 6.41 6.29
C VAL A 95 11.04 5.77 5.36
N ASP A 96 11.48 6.52 4.34
CA ASP A 96 12.56 6.09 3.42
C ASP A 96 13.87 6.02 4.21
N GLU A 97 14.60 4.92 4.07
CA GLU A 97 15.94 4.73 4.66
C GLU A 97 16.88 4.12 3.64
N ILE A 98 18.19 4.25 3.88
CA ILE A 98 19.25 3.53 3.12
CA ILE A 98 19.22 3.54 3.09
C ILE A 98 19.07 2.04 3.39
N CYS A 99 19.23 1.20 2.36
CA CYS A 99 19.15 -0.27 2.45
C CYS A 99 20.01 -0.76 3.63
N LYS A 100 19.46 -1.63 4.48
CA LYS A 100 20.30 -2.35 5.47
C LYS A 100 19.90 -3.82 5.49
N TYR A 101 19.63 -4.37 4.31
CA TYR A 101 19.37 -5.83 4.14
C TYR A 101 20.55 -6.61 4.72
N ARG A 102 20.30 -7.65 5.51
CA ARG A 102 21.31 -8.66 5.91
C ARG A 102 20.90 -10.04 5.44
N PRO A 103 21.76 -10.74 4.66
CA PRO A 103 21.41 -12.08 4.15
C PRO A 103 21.22 -13.10 5.29
N GLU A 104 21.93 -12.93 6.40
CA GLU A 104 21.84 -13.78 7.61
C GLU A 104 20.40 -13.80 8.11
N ASN A 105 19.61 -12.75 7.87
CA ASN A 105 18.26 -12.59 8.44
C ASN A 105 17.20 -12.91 7.38
N SER A 106 17.59 -13.38 6.19
CA SER A 106 16.62 -13.72 5.12
C SER A 106 15.81 -14.93 5.57
N VAL A 107 14.48 -14.87 5.38
CA VAL A 107 13.52 -15.95 5.73
C VAL A 107 12.64 -16.24 4.52
N ALA A 108 12.88 -15.59 3.38
CA ALA A 108 12.05 -15.78 2.17
C ALA A 108 12.90 -15.60 0.92
N GLN A 109 12.49 -16.27 -0.16
CA GLN A 109 13.09 -16.11 -1.50
C GLN A 109 11.99 -16.21 -2.53
N ASP A 110 12.21 -15.69 -3.73
CA ASP A 110 11.39 -16.04 -4.91
C ASP A 110 12.28 -16.07 -6.15
N THR A 111 11.76 -16.75 -7.17
CA THR A 111 12.46 -17.02 -8.45
C THR A 111 11.90 -16.09 -9.52
N GLY A 112 10.93 -15.25 -9.15
CA GLY A 112 10.16 -14.41 -10.09
C GLY A 112 8.73 -14.29 -9.62
N PHE A 113 7.82 -14.02 -10.56
CA PHE A 113 6.39 -13.77 -10.28
C PHE A 113 5.59 -14.09 -11.56
N THR A 114 4.31 -14.36 -11.35
CA THR A 114 3.29 -14.68 -12.38
C THR A 114 2.28 -13.53 -12.38
N VAL A 115 2.05 -12.92 -13.54
CA VAL A 115 0.97 -11.92 -13.74
C VAL A 115 -0.30 -12.72 -14.09
N VAL A 116 -1.40 -12.51 -13.39
CA VAL A 116 -2.74 -13.04 -13.77
C VAL A 116 -3.20 -12.29 -15.02
N ALA A 117 -3.77 -12.98 -16.01
CA ALA A 117 -4.37 -12.39 -17.23
C ALA A 117 -5.09 -11.08 -16.89
N PRO A 118 -4.56 -9.91 -17.33
CA PRO A 118 -5.13 -8.60 -16.96
C PRO A 118 -6.64 -8.45 -17.23
N GLY A 119 -7.36 -7.92 -16.24
CA GLY A 119 -8.76 -7.55 -16.37
C GLY A 119 -9.70 -8.75 -16.33
N LYS A 120 -9.18 -9.94 -16.01
CA LYS A 120 -9.95 -11.21 -16.06
C LYS A 120 -10.20 -11.68 -14.63
N GLU A 121 -11.39 -11.39 -14.09
CA GLU A 121 -11.81 -11.83 -12.74
C GLU A 121 -11.90 -13.36 -12.68
N LYS A 122 -12.16 -14.06 -13.78
CA LYS A 122 -12.25 -15.54 -13.72
C LYS A 122 -10.85 -16.12 -13.56
N ALA A 123 -9.85 -15.55 -14.26
CA ALA A 123 -8.41 -15.82 -14.05
C ALA A 123 -8.02 -15.55 -12.59
N LEU A 124 -8.42 -14.40 -12.05
CA LEU A 124 -8.07 -14.04 -10.66
C LEU A 124 -8.67 -15.10 -9.72
N MET A 125 -9.92 -15.52 -10.00
CA MET A 125 -10.62 -16.55 -9.19
C MET A 125 -9.85 -17.89 -9.26
N LYS A 126 -9.35 -18.29 -10.43
CA LYS A 126 -8.57 -19.54 -10.58
C LYS A 126 -7.31 -19.41 -9.72
N ALA A 127 -6.61 -18.28 -9.85
CA ALA A 127 -5.33 -18.02 -9.15
C ALA A 127 -5.58 -18.06 -7.64
N VAL A 128 -6.61 -17.35 -7.16
CA VAL A 128 -6.93 -17.31 -5.71
C VAL A 128 -7.25 -18.75 -5.25
N ALA A 129 -8.02 -19.51 -6.02
CA ALA A 129 -8.43 -20.88 -5.64
C ALA A 129 -7.23 -21.83 -5.59
N THR A 130 -6.26 -21.69 -6.49
CA THR A 130 -5.21 -22.72 -6.72
C THR A 130 -3.86 -22.36 -6.05
N VAL A 131 -3.59 -21.09 -5.78
CA VAL A 131 -2.21 -20.60 -5.49
C VAL A 131 -2.15 -20.16 -4.03
N GLY A 132 -3.15 -19.37 -3.60
CA GLY A 132 -3.13 -18.64 -2.32
C GLY A 132 -3.42 -17.15 -2.55
N PRO A 133 -3.21 -16.33 -1.49
CA PRO A 133 -3.40 -14.87 -1.55
C PRO A 133 -2.67 -14.25 -2.74
N ILE A 134 -3.34 -13.39 -3.49
CA ILE A 134 -2.81 -12.72 -4.71
C ILE A 134 -2.68 -11.21 -4.43
N SER A 135 -1.52 -10.66 -4.78
CA SER A 135 -1.25 -9.21 -4.79
C SER A 135 -2.10 -8.60 -5.90
N VAL A 136 -2.83 -7.51 -5.61
CA VAL A 136 -3.60 -6.77 -6.64
C VAL A 136 -3.45 -5.26 -6.40
N ALA A 137 -3.73 -4.47 -7.43
CA ALA A 137 -3.83 -3.00 -7.31
C ALA A 137 -5.30 -2.62 -7.50
N MET A 138 -5.72 -1.58 -6.80
CA MET A 138 -7.10 -1.09 -6.93
C MET A 138 -7.12 0.43 -6.88
N ASP A 139 -8.28 0.96 -7.22
CA ASP A 139 -8.62 2.39 -7.04
C ASP A 139 -9.21 2.51 -5.62
N ALA A 140 -8.40 2.97 -4.67
CA ALA A 140 -8.76 3.22 -3.26
C ALA A 140 -8.87 4.74 -3.02
N GLY A 141 -9.01 5.51 -4.10
CA GLY A 141 -8.92 6.97 -4.09
C GLY A 141 -10.20 7.68 -3.62
N HIS A 142 -11.30 6.96 -3.41
CA HIS A 142 -12.64 7.54 -3.13
C HIS A 142 -12.84 7.61 -1.62
N SER A 143 -13.46 8.69 -1.13
CA SER A 143 -13.75 8.82 0.31
C SER A 143 -14.65 7.67 0.76
N SER A 144 -15.50 7.09 -0.11
CA SER A 144 -16.31 5.90 0.24
C SER A 144 -15.41 4.77 0.75
N PHE A 145 -14.19 4.62 0.22
CA PHE A 145 -13.25 3.55 0.64
C PHE A 145 -12.73 3.82 2.05
N GLN A 146 -12.33 5.06 2.31
CA GLN A 146 -11.85 5.50 3.65
C GLN A 146 -12.88 5.13 4.73
N PHE A 147 -14.17 5.43 4.51
CA PHE A 147 -15.22 5.19 5.54
C PHE A 147 -15.91 3.84 5.35
N TYR A 148 -15.38 2.93 4.50
CA TYR A 148 -15.95 1.55 4.42
C TYR A 148 -15.97 0.92 5.82
N LYS A 149 -17.05 0.23 6.17
CA LYS A 149 -17.16 -0.48 7.47
C LYS A 149 -17.66 -1.92 7.31
N SER A 150 -18.64 -2.22 6.45
CA SER A 150 -19.16 -3.61 6.32
C SER A 150 -19.88 -3.79 5.00
N GLY A 151 -20.28 -5.04 4.72
CA GLY A 151 -21.02 -5.40 3.50
C GLY A 151 -20.08 -5.43 2.32
N ILE A 152 -20.62 -5.28 1.12
CA ILE A 152 -19.86 -5.33 -0.16
C ILE A 152 -19.57 -3.90 -0.62
N TYR A 153 -18.29 -3.56 -0.73
CA TYR A 153 -17.89 -2.22 -1.23
C TYR A 153 -18.23 -2.20 -2.70
N PHE A 154 -19.06 -1.24 -3.09
CA PHE A 154 -19.25 -0.87 -4.51
C PHE A 154 -19.20 0.65 -4.60
N GLU A 155 -18.41 1.18 -5.54
CA GLU A 155 -18.20 2.63 -5.72
C GLU A 155 -18.36 2.97 -7.20
N PRO A 156 -19.48 3.61 -7.61
CA PRO A 156 -19.78 3.82 -9.03
C PRO A 156 -18.74 4.58 -9.83
N ASP A 157 -17.94 5.42 -9.18
CA ASP A 157 -16.89 6.22 -9.87
C ASP A 157 -15.55 5.47 -9.82
N CYS A 158 -15.55 4.20 -9.40
CA CYS A 158 -14.27 3.44 -9.22
C CYS A 158 -13.69 3.14 -10.60
N SER A 159 -12.40 3.42 -10.80
CA SER A 159 -11.67 3.15 -12.07
C SER A 159 -11.12 1.71 -12.10
N SER A 160 -11.21 1.03 -13.23
CA SER A 160 -10.57 -0.30 -13.38
C SER A 160 -9.17 -0.11 -13.98
N LYS A 161 -8.76 1.13 -14.27
CA LYS A 161 -7.51 1.47 -14.99
C LYS A 161 -6.60 2.40 -14.17
N ASN A 162 -7.14 3.43 -13.53
CA ASN A 162 -6.33 4.33 -12.66
C ASN A 162 -6.29 3.73 -11.26
N LEU A 163 -5.21 2.99 -10.97
CA LEU A 163 -5.02 2.24 -9.71
C LEU A 163 -3.97 2.95 -8.86
N ASP A 164 -4.20 3.08 -7.56
CA ASP A 164 -3.32 3.88 -6.68
C ASP A 164 -2.89 3.07 -5.44
N HIS A 165 -3.41 1.86 -5.22
CA HIS A 165 -3.27 1.20 -3.90
C HIS A 165 -3.05 -0.29 -4.10
N GLY A 166 -2.01 -0.84 -3.47
CA GLY A 166 -1.72 -2.27 -3.42
C GLY A 166 -2.44 -2.92 -2.25
N VAL A 167 -3.12 -4.04 -2.49
CA VAL A 167 -3.77 -4.83 -1.43
C VAL A 167 -3.60 -6.31 -1.76
N LEU A 168 -4.21 -7.17 -0.97
CA LEU A 168 -4.06 -8.62 -1.05
C LEU A 168 -5.45 -9.29 -1.05
N VAL A 169 -5.76 -10.02 -2.12
CA VAL A 169 -6.98 -10.87 -2.16
C VAL A 169 -6.66 -12.18 -1.44
N VAL A 170 -7.29 -12.41 -0.29
CA VAL A 170 -7.06 -13.62 0.56
C VAL A 170 -8.21 -14.62 0.36
N GLY A 171 -9.18 -14.27 -0.46
CA GLY A 171 -10.29 -15.17 -0.78
C GLY A 171 -11.41 -14.49 -1.53
N TYR A 172 -12.53 -15.17 -1.59
CA TYR A 172 -13.76 -14.73 -2.29
C TYR A 172 -14.94 -15.52 -1.76
N GLY A 173 -16.14 -15.03 -2.07
CA GLY A 173 -17.38 -15.57 -1.49
C GLY A 173 -18.58 -14.84 -2.01
N PHE A 174 -19.70 -14.98 -1.29
CA PHE A 174 -21.03 -14.44 -1.67
C PHE A 174 -21.77 -14.15 -0.38
N GLU A 175 -22.54 -13.06 -0.32
CA GLU A 175 -23.51 -12.78 0.78
C GLU A 175 -24.87 -13.39 0.38
N GLY A 176 -25.51 -14.13 1.30
CA GLY A 176 -26.82 -14.81 1.13
C GLY A 176 -27.56 -14.38 -0.13
N SER A 182 -24.41 -11.08 -5.18
CA SER A 182 -23.70 -10.58 -3.98
C SER A 182 -22.37 -11.31 -3.78
N LYS A 183 -21.56 -11.35 -4.84
CA LYS A 183 -20.24 -12.03 -4.83
C LYS A 183 -19.19 -10.98 -4.44
N TYR A 184 -18.18 -11.39 -3.70
CA TYR A 184 -17.12 -10.44 -3.27
C TYR A 184 -15.75 -11.12 -3.30
N TRP A 185 -14.75 -10.26 -3.51
CA TRP A 185 -13.31 -10.48 -3.20
C TRP A 185 -13.10 -10.14 -1.73
N LEU A 186 -12.53 -11.05 -0.96
CA LEU A 186 -12.09 -10.76 0.42
C LEU A 186 -10.69 -10.13 0.34
N VAL A 187 -10.56 -8.88 0.73
CA VAL A 187 -9.30 -8.12 0.54
C VAL A 187 -8.72 -7.72 1.90
N LYS A 188 -7.46 -8.07 2.14
CA LYS A 188 -6.68 -7.58 3.30
C LYS A 188 -6.07 -6.22 2.95
N ASN A 189 -6.32 -5.19 3.76
CA ASN A 189 -5.76 -3.83 3.56
C ASN A 189 -4.59 -3.66 4.52
N SER A 190 -3.87 -2.54 4.42
CA SER A 190 -2.67 -2.24 5.25
C SER A 190 -2.90 -0.94 6.02
N TRP A 191 -4.12 -0.71 6.50
CA TRP A 191 -4.47 0.54 7.21
C TRP A 191 -4.79 0.24 8.67
N GLY A 192 -4.25 -0.85 9.24
CA GLY A 192 -4.44 -1.24 10.64
C GLY A 192 -5.78 -1.94 10.81
N PRO A 193 -5.99 -2.71 11.89
CA PRO A 193 -7.22 -3.50 12.04
C PRO A 193 -8.44 -2.63 12.41
N GLU A 194 -8.24 -1.37 12.78
CA GLU A 194 -9.33 -0.45 13.18
C GLU A 194 -10.08 0.02 11.93
N TRP A 195 -9.45 0.03 10.74
CA TRP A 195 -10.12 0.43 9.47
C TRP A 195 -11.01 -0.70 8.94
N GLY A 196 -12.14 -0.34 8.35
CA GLY A 196 -13.03 -1.29 7.67
C GLY A 196 -13.48 -2.40 8.59
N SER A 197 -13.46 -3.63 8.11
CA SER A 197 -13.97 -4.80 8.86
C SER A 197 -12.77 -5.56 9.42
N ASN A 198 -12.24 -5.09 10.55
CA ASN A 198 -11.03 -5.66 11.20
C ASN A 198 -9.84 -5.61 10.22
N GLY A 199 -9.79 -4.57 9.38
CA GLY A 199 -8.68 -4.35 8.44
C GLY A 199 -8.98 -4.89 7.07
N TYR A 200 -10.14 -5.52 6.91
CA TYR A 200 -10.56 -6.22 5.67
C TYR A 200 -11.69 -5.46 4.99
N VAL A 201 -11.85 -5.71 3.69
CA VAL A 201 -12.93 -5.12 2.87
C VAL A 201 -13.41 -6.18 1.88
N LYS A 202 -14.72 -6.28 1.71
CA LYS A 202 -15.33 -7.11 0.64
C LYS A 202 -15.56 -6.21 -0.57
N ILE A 203 -14.90 -6.50 -1.67
CA ILE A 203 -15.06 -5.72 -2.92
C ILE A 203 -15.93 -6.52 -3.88
N ALA A 204 -16.90 -5.83 -4.49
CA ALA A 204 -17.84 -6.40 -5.47
C ALA A 204 -17.02 -7.23 -6.47
N LYS A 205 -17.38 -8.52 -6.59
CA LYS A 205 -16.76 -9.50 -7.50
C LYS A 205 -17.70 -9.76 -8.68
N ASP A 206 -17.16 -9.87 -9.88
CA ASP A 206 -17.92 -10.20 -11.12
C ASP A 206 -18.91 -9.06 -11.39
N LYS A 207 -18.48 -7.80 -11.19
CA LYS A 207 -19.23 -6.58 -11.53
C LYS A 207 -18.32 -5.71 -12.40
N ASN A 208 -17.83 -6.28 -13.50
CA ASN A 208 -16.98 -5.60 -14.52
CA ASN A 208 -17.00 -5.58 -14.51
C ASN A 208 -15.68 -5.11 -13.87
N ASN A 209 -15.00 -6.00 -13.13
CA ASN A 209 -13.61 -5.79 -12.61
C ASN A 209 -13.62 -4.54 -11.72
N HIS A 210 -14.45 -4.54 -10.70
CA HIS A 210 -14.72 -3.34 -9.86
C HIS A 210 -13.43 -2.86 -9.18
N CYS A 211 -13.11 -1.58 -9.37
CA CYS A 211 -11.93 -0.86 -8.80
C CYS A 211 -10.63 -1.47 -9.36
N GLY A 212 -10.70 -2.19 -10.47
CA GLY A 212 -9.50 -2.72 -11.15
C GLY A 212 -8.86 -3.88 -10.40
N ILE A 213 -9.59 -4.58 -9.56
CA ILE A 213 -9.05 -5.67 -8.68
C ILE A 213 -8.29 -6.72 -9.50
N ALA A 214 -8.72 -6.97 -10.74
CA ALA A 214 -8.15 -8.02 -11.63
C ALA A 214 -7.21 -7.40 -12.66
N THR A 215 -6.95 -6.08 -12.61
CA THR A 215 -6.16 -5.34 -13.64
C THR A 215 -4.65 -5.65 -13.52
N ALA A 216 -4.11 -5.72 -12.30
CA ALA A 216 -2.65 -5.83 -12.03
C ALA A 216 -2.43 -6.82 -10.88
N ALA A 217 -2.88 -8.05 -11.08
CA ALA A 217 -2.81 -9.11 -10.06
C ALA A 217 -1.57 -9.97 -10.36
N SER A 218 -0.80 -10.30 -9.32
CA SER A 218 0.47 -11.07 -9.44
C SER A 218 0.72 -11.83 -8.14
N TYR A 219 1.56 -12.85 -8.20
CA TYR A 219 2.07 -13.57 -7.02
C TYR A 219 3.49 -14.02 -7.30
N PRO A 220 4.30 -14.14 -6.23
CA PRO A 220 5.69 -14.54 -6.39
C PRO A 220 5.74 -16.05 -6.63
N ASN A 221 6.73 -16.52 -7.39
CA ASN A 221 7.05 -17.95 -7.56
C ASN A 221 8.15 -18.31 -6.54
N VAL A 222 7.87 -19.23 -5.63
CA VAL A 222 8.88 -19.60 -4.59
C VAL A 222 9.41 -21.00 -4.90
N LEU B 5 5.30 5.11 -8.65
CA LEU B 5 4.19 5.73 -9.45
C LEU B 5 2.84 5.27 -8.89
N ARG B 6 2.60 3.97 -8.79
CA ARG B 6 1.47 3.41 -7.99
C ARG B 6 1.66 3.77 -6.50
N GLY B 7 0.74 4.54 -5.93
CA GLY B 7 0.83 5.04 -4.53
C GLY B 7 1.65 6.31 -4.48
N GLY B 8 1.91 6.88 -5.65
CA GLY B 8 2.74 8.09 -5.80
C GLY B 8 1.98 9.32 -5.34
N TYR B 9 2.70 10.42 -5.17
CA TYR B 9 2.10 11.76 -5.02
C TYR B 9 1.41 12.10 -6.34
N ARG B 10 0.22 12.70 -6.24
CA ARG B 10 -0.49 13.30 -7.39
C ARG B 10 -0.41 14.82 -7.20
N GLU B 11 0.32 15.49 -8.10
CA GLU B 11 0.34 16.97 -8.23
C GLU B 11 -1.09 17.45 -8.46
N ARG B 12 -1.43 18.62 -7.90
CA ARG B 12 -2.80 19.19 -7.87
C ARG B 12 -2.66 20.63 -8.35
N PRO B 13 -2.57 20.86 -9.69
CA PRO B 13 -2.27 22.19 -10.22
C PRO B 13 -3.38 23.21 -9.90
N ASN B 14 -2.96 24.46 -9.65
CA ASN B 14 -3.83 25.64 -9.45
C ASN B 14 -4.63 25.50 -8.15
N HIS B 15 -4.23 24.60 -7.25
CA HIS B 15 -4.87 24.45 -5.91
C HIS B 15 -4.14 25.32 -4.90
N GLN B 16 -3.07 26.03 -5.34
CA GLN B 16 -2.10 26.72 -4.46
C GLN B 16 -2.77 27.83 -3.64
N GLU B 17 -3.85 28.45 -4.12
CA GLU B 17 -4.52 29.59 -3.45
C GLU B 17 -5.77 29.12 -2.69
N ASP B 18 -6.02 27.80 -2.59
CA ASP B 18 -7.20 27.31 -1.82
C ASP B 18 -6.97 27.58 -0.33
N PRO B 19 -7.97 28.10 0.41
CA PRO B 19 -7.82 28.27 1.85
C PRO B 19 -7.23 27.04 2.58
N LYS B 20 -7.66 25.83 2.22
CA LYS B 20 -7.23 24.58 2.92
C LYS B 20 -5.70 24.49 2.94
N TYR B 21 -5.06 24.70 1.79
CA TYR B 21 -3.59 24.55 1.64
C TYR B 21 -2.90 25.76 2.25
N LEU B 22 -3.62 26.87 2.42
CA LEU B 22 -3.11 28.05 3.15
C LEU B 22 -3.09 27.76 4.65
N GLU B 23 -4.17 27.20 5.20
CA GLU B 23 -4.19 26.79 6.62
C GLU B 23 -3.10 25.74 6.87
N LEU B 24 -2.95 24.76 5.97
CA LEU B 24 -1.97 23.65 6.14
C LEU B 24 -0.55 24.23 6.11
N ALA B 25 -0.28 25.12 5.15
CA ALA B 25 0.99 25.88 5.02
C ALA B 25 1.31 26.57 6.35
N HIS B 26 0.35 27.30 6.90
CA HIS B 26 0.50 28.03 8.20
C HIS B 26 0.73 27.02 9.33
N TYR B 27 -0.06 25.95 9.37
CA TYR B 27 0.05 24.89 10.41
C TYR B 27 1.46 24.30 10.35
N ALA B 28 1.92 24.00 9.14
CA ALA B 28 3.21 23.35 8.89
C ALA B 28 4.32 24.28 9.36
N THR B 29 4.35 25.51 8.83
CA THR B 29 5.46 26.46 9.05
C THR B 29 5.54 26.85 10.53
N SER B 30 4.38 27.06 11.18
CA SER B 30 4.30 27.47 12.59
C SER B 30 4.66 26.29 13.51
N THR B 31 4.26 25.05 13.17
CA THR B 31 4.67 23.85 13.95
C THR B 31 6.19 23.75 13.94
N TRP B 32 6.79 23.81 12.76
CA TRP B 32 8.24 23.64 12.57
C TRP B 32 9.01 24.70 13.35
N SER B 33 8.65 25.98 13.19
CA SER B 33 9.40 27.09 13.84
C SER B 33 9.22 27.01 15.37
N ALA B 34 8.10 26.54 15.88
CA ALA B 34 7.81 26.51 17.34
C ALA B 34 8.69 25.49 18.08
N GLN B 35 9.23 24.52 17.36
CA GLN B 35 9.98 23.39 17.98
C GLN B 35 11.41 23.45 17.43
N GLN B 36 11.77 24.51 16.72
CA GLN B 36 13.17 24.86 16.36
C GLN B 36 13.83 25.55 17.56
N PRO B 37 15.17 25.50 17.67
CA PRO B 37 15.87 26.29 18.70
C PRO B 37 15.97 27.78 18.28
N GLY B 38 15.85 28.68 19.26
CA GLY B 38 15.96 30.14 19.08
C GLY B 38 14.97 30.67 18.05
N LYS B 39 15.41 31.57 17.17
CA LYS B 39 14.53 32.30 16.21
C LYS B 39 14.26 31.39 15.01
N VAL B 48 2.62 29.36 -1.53
CA VAL B 48 2.37 27.94 -1.96
C VAL B 48 2.67 27.79 -3.46
N LEU B 49 3.81 27.20 -3.82
CA LEU B 49 4.28 27.06 -5.23
C LEU B 49 3.73 25.77 -5.86
N LYS B 50 3.40 24.77 -5.05
CA LYS B 50 2.93 23.44 -5.55
C LYS B 50 2.24 22.66 -4.43
N VAL B 51 1.13 22.00 -4.78
CA VAL B 51 0.36 21.09 -3.87
C VAL B 51 0.39 19.67 -4.44
N GLU B 52 0.67 18.66 -3.61
CA GLU B 52 0.57 17.21 -3.98
C GLU B 52 -0.09 16.43 -2.82
N THR B 53 -0.91 15.44 -3.16
CA THR B 53 -1.61 14.56 -2.19
C THR B 53 -1.24 13.10 -2.45
N GLN B 54 -1.18 12.30 -1.39
CA GLN B 54 -0.85 10.87 -1.50
C GLN B 54 -1.78 10.09 -0.58
N THR B 55 -2.42 9.05 -1.10
CA THR B 55 -3.25 8.14 -0.29
C THR B 55 -2.30 7.16 0.40
N VAL B 56 -2.32 7.18 1.72
CA VAL B 56 -1.56 6.27 2.60
C VAL B 56 -2.61 5.68 3.55
N ALA B 57 -2.27 5.35 4.79
CA ALA B 57 -3.28 5.14 5.87
C ALA B 57 -3.74 6.53 6.34
N GLY B 58 -4.59 7.16 5.53
CA GLY B 58 -4.91 8.59 5.62
C GLY B 58 -4.39 9.29 4.38
N THR B 59 -3.94 10.54 4.52
CA THR B 59 -3.52 11.39 3.39
C THR B 59 -2.25 12.16 3.77
N ASN B 60 -1.30 12.23 2.84
CA ASN B 60 -0.15 13.17 2.89
C ASN B 60 -0.43 14.36 1.96
N TYR B 61 -0.11 15.54 2.47
CA TYR B 61 -0.11 16.81 1.72
C TYR B 61 1.35 17.29 1.67
N ARG B 62 1.96 17.23 0.49
CA ARG B 62 3.32 17.76 0.24
C ARG B 62 3.16 19.13 -0.43
N LEU B 63 3.50 20.18 0.32
CA LEU B 63 3.37 21.58 -0.11
C LEU B 63 4.78 22.11 -0.33
N THR B 64 5.08 22.53 -1.54
CA THR B 64 6.26 23.37 -1.84
C THR B 64 5.87 24.82 -1.48
N LEU B 65 6.72 25.50 -0.72
CA LEU B 65 6.41 26.84 -0.18
C LEU B 65 7.58 27.78 -0.49
N LYS B 66 7.25 29.03 -0.81
CA LYS B 66 8.17 30.20 -0.74
C LYS B 66 7.97 30.82 0.65
N VAL B 67 9.02 30.77 1.48
CA VAL B 67 9.02 31.40 2.83
C VAL B 67 10.09 32.50 2.87
N ALA B 68 9.87 33.54 3.69
CA ALA B 68 10.81 34.67 3.94
C ALA B 68 10.65 35.20 5.37
N GLU B 69 11.69 35.87 5.90
CA GLU B 69 11.70 36.59 7.20
C GLU B 69 10.84 37.86 7.05
N GLN B 91 14.52 34.99 1.54
CA GLN B 91 13.53 34.12 0.85
C GLN B 91 14.14 32.73 0.69
N ARG B 92 13.32 31.68 0.84
CA ARG B 92 13.73 30.26 0.66
C ARG B 92 12.58 29.48 0.02
N THR B 93 12.91 28.46 -0.80
CA THR B 93 11.93 27.45 -1.29
C THR B 93 11.99 26.25 -0.34
N CYS B 94 10.91 25.98 0.40
CA CYS B 94 10.83 24.89 1.39
C CYS B 94 9.78 23.86 0.96
N THR B 95 10.04 22.56 1.17
CA THR B 95 9.05 21.45 1.01
C THR B 95 8.64 20.92 2.39
N THR B 96 7.34 20.85 2.66
CA THR B 96 6.79 20.24 3.90
C THR B 96 5.73 19.18 3.57
N VAL B 97 5.69 18.11 4.37
CA VAL B 97 4.66 17.02 4.30
C VAL B 97 3.86 17.05 5.60
N ILE B 98 2.53 17.19 5.48
CA ILE B 98 1.55 17.04 6.58
C ILE B 98 0.87 15.69 6.36
N TYR B 99 0.91 14.86 7.38
CA TYR B 99 0.20 13.57 7.40
C TYR B 99 -1.11 13.78 8.15
N GLN B 100 -2.22 13.40 7.55
CA GLN B 100 -3.49 13.26 8.29
C GLN B 100 -3.90 11.78 8.29
N ASN B 101 -3.96 11.17 9.48
CA ASN B 101 -4.28 9.73 9.65
C ASN B 101 -5.79 9.56 9.57
N LEU B 102 -6.26 8.31 9.63
CA LEU B 102 -7.69 7.95 9.42
C LEU B 102 -8.56 8.44 10.58
N GLU B 103 -7.94 8.84 11.70
CA GLU B 103 -8.66 9.46 12.84
C GLU B 103 -8.63 10.99 12.71
N GLY B 104 -8.14 11.54 11.60
CA GLY B 104 -8.07 12.98 11.34
C GLY B 104 -7.02 13.72 12.16
N GLU B 105 -6.10 13.04 12.85
CA GLU B 105 -4.98 13.66 13.58
C GLU B 105 -3.88 14.07 12.60
N LYS B 106 -3.40 15.29 12.71
CA LYS B 106 -2.40 15.84 11.75
C LYS B 106 -1.04 15.90 12.44
N SER B 107 0.01 15.78 11.65
CA SER B 107 1.41 15.94 12.10
C SER B 107 2.26 16.45 10.93
N VAL B 108 3.33 17.15 11.23
CA VAL B 108 4.28 17.59 10.19
C VAL B 108 5.38 16.54 10.10
N SER B 109 5.40 15.80 8.99
CA SER B 109 6.33 14.66 8.76
C SER B 109 7.70 15.22 8.46
N SER B 110 7.75 16.32 7.73
CA SER B 110 9.04 16.90 7.30
C SER B 110 8.82 18.36 6.92
N PHE B 111 9.92 19.10 6.95
CA PHE B 111 10.01 20.54 6.56
C PHE B 111 11.49 20.81 6.34
N GLY B 112 11.87 21.16 5.11
CA GLY B 112 13.22 21.62 4.75
C GLY B 112 13.21 22.59 3.58
N CYS B 113 14.36 23.24 3.31
CA CYS B 113 14.50 24.35 2.32
C CYS B 113 15.74 24.16 1.44
N ALA B 114 15.64 24.55 0.16
CA ALA B 114 16.78 24.70 -0.76
C ALA B 114 17.72 25.79 -0.22
#